data_1ZDK
#
_entry.id   1ZDK
#
_cell.length_a   288.000
_cell.length_b   288.000
_cell.length_c   653.000
_cell.angle_alpha   90.00
_cell.angle_beta   90.00
_cell.angle_gamma   120.00
#
_symmetry.space_group_name_H-M   'H 3 2'
#
loop_
_entity.id
_entity.type
_entity.pdbx_description
1 polymer "RNA (5'-R(P*AP*CP*AP*UP*GP*AP*GP*GP*AP*UP*CP*AP*CP*CP*CP*AP*UP*GP*U)-3')"
2 polymer 'PROTEIN (MS2 PROTEIN CAPSID)'
3 water water
#
loop_
_entity_poly.entity_id
_entity_poly.type
_entity_poly.pdbx_seq_one_letter_code
_entity_poly.pdbx_strand_id
1 'polyribonucleotide' ACAUGAGGAUCACCCAUGU R,S
2 'polypeptide(L)'
;ASNFTQFVLVDNGGTGDVTVAPSNFANGVAEWISSNSRSQAYKVTCSVRQSSAQNRKYTIKVEVPKVATQTVGGVELPVA
AWRSYLNMELTIPIFATNSDCELIVKAMQGLLKDGNPIPSAIAANSGIY
;
A,B,C
#
# COMPACT_ATOMS: atom_id res chain seq x y z
N ALA C 1 2.79 -7.93 -12.00
CA ALA C 1 1.93 -6.73 -12.25
C ALA C 1 2.09 -5.71 -11.09
N SER C 2 1.09 -4.83 -11.01
CA SER C 2 0.93 -3.74 -10.06
C SER C 2 0.35 -2.84 -11.10
N ASN C 3 -0.87 -2.38 -10.86
CA ASN C 3 -1.47 -1.50 -11.81
C ASN C 3 -1.16 -0.07 -11.41
N PHE C 4 -0.44 0.09 -10.30
CA PHE C 4 -0.09 1.42 -9.83
C PHE C 4 1.12 1.94 -10.61
N THR C 5 0.89 2.23 -11.88
CA THR C 5 1.93 2.74 -12.77
C THR C 5 1.57 4.11 -13.28
N GLN C 6 2.45 4.71 -14.05
CA GLN C 6 2.17 6.02 -14.60
C GLN C 6 1.50 5.88 -15.96
N PHE C 7 0.87 6.95 -16.40
CA PHE C 7 0.16 6.95 -17.67
C PHE C 7 -0.01 8.39 -18.17
N VAL C 8 -0.31 8.55 -19.46
CA VAL C 8 -0.51 9.88 -20.01
C VAL C 8 -2.00 10.22 -19.85
N LEU C 9 -2.25 11.24 -19.04
CA LEU C 9 -3.58 11.70 -18.79
C LEU C 9 -4.05 12.51 -19.97
N VAL C 10 -3.24 13.45 -20.45
CA VAL C 10 -3.62 14.23 -21.62
C VAL C 10 -2.65 13.85 -22.73
N ASP C 11 -3.15 13.17 -23.72
CA ASP C 11 -2.30 12.79 -24.82
C ASP C 11 -2.33 13.85 -25.88
N ASN C 12 -1.29 14.67 -25.92
CA ASN C 12 -1.19 15.73 -26.93
C ASN C 12 -0.30 15.27 -28.07
N GLY C 13 -0.50 14.00 -28.43
CA GLY C 13 0.25 13.37 -29.49
C GLY C 13 1.75 13.48 -29.30
N GLY C 14 2.29 12.74 -28.32
CA GLY C 14 3.73 12.71 -28.08
C GLY C 14 4.50 14.01 -27.72
N THR C 15 3.90 15.19 -27.86
CA THR C 15 4.65 16.42 -27.53
C THR C 15 3.76 17.44 -26.81
N GLY C 16 3.95 17.50 -25.49
CA GLY C 16 3.11 18.36 -24.66
C GLY C 16 2.08 17.46 -23.96
N ASP C 17 2.38 16.17 -23.96
CA ASP C 17 1.58 15.15 -23.31
C ASP C 17 1.71 15.38 -21.81
N VAL C 18 0.61 15.25 -21.09
CA VAL C 18 0.62 15.39 -19.65
C VAL C 18 0.62 13.98 -19.09
N THR C 19 1.73 13.55 -18.51
CA THR C 19 1.73 12.23 -17.90
C THR C 19 1.65 12.45 -16.40
N VAL C 20 0.99 11.50 -15.75
CA VAL C 20 0.71 11.55 -14.34
C VAL C 20 1.37 10.32 -13.71
N ALA C 21 2.13 10.53 -12.64
CA ALA C 21 2.84 9.42 -11.98
C ALA C 21 2.34 9.15 -10.55
N PRO C 22 2.44 7.88 -10.08
CA PRO C 22 2.01 7.48 -8.75
C PRO C 22 2.67 8.29 -7.68
N SER C 23 1.91 8.82 -6.73
CA SER C 23 2.54 9.62 -5.68
C SER C 23 2.19 9.35 -4.21
N ASN C 24 1.20 8.53 -3.92
CA ASN C 24 0.84 8.31 -2.54
C ASN C 24 -0.22 7.24 -2.50
N PHE C 25 -0.23 6.46 -1.44
CA PHE C 25 -1.21 5.40 -1.31
C PHE C 25 -1.64 5.42 0.14
N ALA C 26 -1.45 6.55 0.77
CA ALA C 26 -1.83 6.70 2.15
C ALA C 26 -3.34 6.67 2.27
N ASN C 27 -3.82 5.84 3.18
CA ASN C 27 -5.24 5.69 3.46
C ASN C 27 -6.04 4.99 2.42
N GLY C 28 -5.37 4.15 1.63
CA GLY C 28 -6.09 3.43 0.62
C GLY C 28 -6.55 4.29 -0.53
N VAL C 29 -6.01 5.48 -0.66
CA VAL C 29 -6.39 6.33 -1.76
C VAL C 29 -5.19 6.43 -2.66
N ALA C 30 -5.25 5.78 -3.81
CA ALA C 30 -4.18 5.82 -4.78
C ALA C 30 -4.16 7.22 -5.42
N GLU C 31 -3.01 7.89 -5.37
CA GLU C 31 -2.90 9.21 -5.94
C GLU C 31 -1.87 9.24 -7.02
N TRP C 32 -2.07 10.09 -8.02
CA TRP C 32 -1.15 10.26 -9.15
C TRP C 32 -1.09 11.74 -9.41
N ILE C 33 0.07 12.35 -9.56
CA ILE C 33 0.09 13.77 -9.88
C ILE C 33 1.12 13.98 -10.96
N SER C 34 1.06 15.11 -11.66
CA SER C 34 2.02 15.39 -12.72
C SER C 34 3.22 16.12 -12.14
N SER C 35 4.32 16.15 -12.88
CA SER C 35 5.54 16.82 -12.42
C SER C 35 5.33 18.31 -12.42
N ASN C 36 5.02 18.87 -11.28
CA ASN C 36 4.81 20.30 -11.15
C ASN C 36 4.87 20.58 -9.69
N SER C 37 4.74 21.86 -9.38
CA SER C 37 4.68 22.26 -8.00
C SER C 37 3.30 21.67 -7.69
N ARG C 38 3.09 21.29 -6.47
CA ARG C 38 1.83 20.74 -6.08
C ARG C 38 0.68 21.78 -6.26
N SER C 39 1.03 23.05 -6.44
CA SER C 39 0.03 24.10 -6.63
C SER C 39 -0.49 24.14 -8.06
N GLN C 40 0.31 23.60 -8.97
CA GLN C 40 0.00 23.54 -10.40
C GLN C 40 -0.13 22.13 -10.99
N ALA C 41 -0.23 21.10 -10.16
CA ALA C 41 -0.30 19.76 -10.70
C ALA C 41 -1.69 19.20 -11.02
N TYR C 42 -1.70 18.28 -11.99
CA TYR C 42 -2.89 17.55 -12.37
C TYR C 42 -2.90 16.46 -11.30
N LYS C 43 -4.05 16.18 -10.74
CA LYS C 43 -4.10 15.15 -9.73
C LYS C 43 -5.19 14.14 -10.09
N VAL C 44 -4.92 12.86 -9.88
CA VAL C 44 -5.89 11.80 -10.16
C VAL C 44 -5.89 10.96 -8.91
N THR C 45 -7.06 10.68 -8.34
CA THR C 45 -7.16 9.83 -7.16
C THR C 45 -8.18 8.70 -7.39
N CYS C 46 -7.93 7.54 -6.82
CA CYS C 46 -8.78 6.39 -6.97
C CYS C 46 -8.82 5.53 -5.72
N SER C 47 -10.02 5.18 -5.27
CA SER C 47 -10.20 4.31 -4.12
C SER C 47 -11.42 3.42 -4.37
N VAL C 48 -11.36 2.16 -3.89
CA VAL C 48 -12.45 1.17 -4.01
C VAL C 48 -12.84 0.78 -2.60
N ARG C 49 -14.14 0.76 -2.32
CA ARG C 49 -14.63 0.38 -1.01
C ARG C 49 -15.84 -0.52 -1.22
N GLN C 50 -15.98 -1.54 -0.38
CA GLN C 50 -17.11 -2.43 -0.46
C GLN C 50 -18.25 -1.66 0.18
N SER C 51 -18.87 -0.78 -0.60
CA SER C 51 -19.93 0.10 -0.13
C SER C 51 -21.19 -0.52 0.47
N SER C 52 -21.48 -1.77 0.19
CA SER C 52 -22.66 -2.40 0.75
C SER C 52 -22.27 -3.85 0.84
N ALA C 53 -23.19 -4.67 1.37
CA ALA C 53 -22.89 -6.08 1.47
C ALA C 53 -22.70 -6.67 0.04
N GLN C 54 -23.44 -6.11 -0.92
CA GLN C 54 -23.39 -6.61 -2.28
C GLN C 54 -22.90 -5.68 -3.36
N ASN C 55 -22.14 -4.65 -2.99
CA ASN C 55 -21.64 -3.69 -3.96
C ASN C 55 -20.26 -3.33 -3.63
N ARG C 56 -19.61 -2.76 -4.61
CA ARG C 56 -18.28 -2.24 -4.46
C ARG C 56 -18.39 -0.93 -5.17
N LYS C 57 -17.79 0.10 -4.60
CA LYS C 57 -17.85 1.40 -5.18
C LYS C 57 -16.50 2.04 -5.37
N TYR C 58 -16.17 2.37 -6.62
CA TYR C 58 -14.93 3.02 -7.01
C TYR C 58 -15.19 4.51 -7.01
N THR C 59 -14.28 5.29 -6.43
CA THR C 59 -14.41 6.74 -6.41
C THR C 59 -13.18 7.33 -7.11
N ILE C 60 -13.38 7.81 -8.32
CA ILE C 60 -12.32 8.38 -9.11
C ILE C 60 -12.50 9.90 -9.18
N LYS C 61 -11.42 10.63 -8.95
CA LYS C 61 -11.42 12.08 -8.92
C LYS C 61 -10.26 12.59 -9.77
N VAL C 62 -10.51 13.56 -10.66
CA VAL C 62 -9.46 14.13 -11.51
C VAL C 62 -9.51 15.65 -11.40
N GLU C 63 -8.35 16.31 -11.35
CA GLU C 63 -8.27 17.78 -11.29
C GLU C 63 -7.40 18.28 -12.41
N VAL C 64 -7.95 19.17 -13.21
CA VAL C 64 -7.24 19.76 -14.35
C VAL C 64 -7.06 21.26 -14.03
N PRO C 65 -5.80 21.71 -13.79
CA PRO C 65 -5.59 23.13 -13.49
C PRO C 65 -5.40 24.05 -14.70
N LYS C 66 -5.65 25.34 -14.47
CA LYS C 66 -5.41 26.35 -15.47
C LYS C 66 -4.23 27.03 -14.82
N VAL C 67 -3.02 26.72 -15.28
CA VAL C 67 -1.83 27.31 -14.64
C VAL C 67 -1.56 28.80 -14.89
N ALA C 68 -0.95 29.42 -13.90
CA ALA C 68 -0.66 30.82 -13.97
C ALA C 68 0.47 31.17 -13.01
N THR C 69 0.98 32.38 -13.16
CA THR C 69 2.01 32.95 -12.30
C THR C 69 1.42 34.19 -11.66
N GLN C 70 1.25 34.13 -10.35
CA GLN C 70 0.64 35.22 -9.67
C GLN C 70 1.60 35.97 -8.79
N THR C 71 1.48 37.29 -8.83
CA THR C 71 2.32 38.17 -8.04
C THR C 71 1.70 38.53 -6.70
N VAL C 72 2.02 37.75 -5.67
CA VAL C 72 1.50 38.01 -4.31
C VAL C 72 2.58 38.74 -3.51
N GLY C 73 2.15 39.75 -2.74
CA GLY C 73 3.10 40.52 -1.93
C GLY C 73 4.35 40.98 -2.69
N GLY C 74 4.21 41.26 -3.99
CA GLY C 74 5.33 41.72 -4.78
C GLY C 74 6.21 40.62 -5.31
N VAL C 75 5.94 39.39 -4.89
CA VAL C 75 6.73 38.25 -5.36
C VAL C 75 5.92 37.33 -6.30
N GLU C 76 6.62 36.65 -7.21
CA GLU C 76 5.98 35.71 -8.15
C GLU C 76 5.95 34.25 -7.71
N LEU C 77 4.75 33.68 -7.66
CA LEU C 77 4.54 32.29 -7.27
C LEU C 77 3.79 31.50 -8.34
N PRO C 78 4.16 30.23 -8.56
CA PRO C 78 3.49 29.37 -9.57
C PRO C 78 2.16 28.99 -8.93
N VAL C 79 1.08 29.22 -9.64
CA VAL C 79 -0.22 28.97 -9.08
C VAL C 79 -1.20 28.43 -10.13
N ALA C 80 -2.43 28.12 -9.72
CA ALA C 80 -3.43 27.64 -10.67
C ALA C 80 -4.55 28.69 -10.66
N ALA C 81 -4.76 29.32 -11.81
CA ALA C 81 -5.79 30.34 -11.97
C ALA C 81 -7.14 29.76 -11.50
N TRP C 82 -7.40 28.51 -11.86
CA TRP C 82 -8.61 27.79 -11.46
C TRP C 82 -8.40 26.32 -11.72
N ARG C 83 -9.36 25.52 -11.26
CA ARG C 83 -9.33 24.07 -11.45
C ARG C 83 -10.69 23.54 -11.83
N SER C 84 -10.66 22.55 -12.71
CA SER C 84 -11.85 21.88 -13.16
C SER C 84 -11.81 20.54 -12.42
N TYR C 85 -12.94 20.15 -11.85
CA TYR C 85 -13.04 18.90 -11.07
C TYR C 85 -13.94 17.81 -11.63
N LEU C 86 -13.39 16.64 -11.92
CA LEU C 86 -14.20 15.52 -12.38
C LEU C 86 -14.41 14.63 -11.16
N ASN C 87 -15.62 14.18 -10.95
CA ASN C 87 -15.93 13.31 -9.82
C ASN C 87 -16.76 12.14 -10.27
N MET C 88 -16.22 10.94 -10.28
CA MET C 88 -17.04 9.81 -10.68
C MET C 88 -17.12 8.68 -9.68
N GLU C 89 -18.29 8.11 -9.54
CA GLU C 89 -18.46 6.99 -8.63
C GLU C 89 -19.08 5.93 -9.42
N LEU C 90 -18.51 4.75 -9.36
CA LEU C 90 -19.04 3.65 -10.11
C LEU C 90 -19.42 2.55 -9.11
N THR C 91 -20.67 2.12 -9.10
CA THR C 91 -21.08 1.06 -8.20
C THR C 91 -21.35 -0.23 -8.95
N ILE C 92 -20.62 -1.27 -8.60
CA ILE C 92 -20.73 -2.56 -9.27
C ILE C 92 -21.18 -3.62 -8.29
N PRO C 93 -22.15 -4.47 -8.69
CA PRO C 93 -22.64 -5.55 -7.81
C PRO C 93 -21.54 -6.62 -7.63
N ILE C 94 -21.49 -7.29 -6.49
CA ILE C 94 -20.46 -8.29 -6.28
C ILE C 94 -20.63 -9.46 -7.25
N PHE C 95 -21.77 -9.53 -7.92
CA PHE C 95 -22.12 -10.60 -8.86
C PHE C 95 -21.59 -10.40 -10.28
N ALA C 96 -20.97 -9.26 -10.52
CA ALA C 96 -20.42 -8.96 -11.81
C ALA C 96 -19.13 -9.74 -12.09
N THR C 97 -19.19 -10.45 -13.20
CA THR C 97 -18.12 -11.26 -13.75
C THR C 97 -17.00 -10.36 -14.27
N ASN C 98 -15.83 -10.88 -14.60
CA ASN C 98 -14.75 -10.03 -15.10
C ASN C 98 -15.14 -9.42 -16.45
N SER C 99 -15.89 -10.19 -17.24
CA SER C 99 -16.39 -9.70 -18.52
C SER C 99 -17.53 -8.69 -18.35
N ASP C 100 -18.35 -8.84 -17.30
CA ASP C 100 -19.43 -7.91 -17.01
C ASP C 100 -18.73 -6.61 -16.77
N CYS C 101 -17.60 -6.66 -16.11
CA CYS C 101 -16.84 -5.48 -15.83
C CYS C 101 -16.22 -4.87 -17.04
N GLU C 102 -15.75 -5.72 -17.94
CA GLU C 102 -15.11 -5.24 -19.15
C GLU C 102 -16.09 -4.45 -19.99
N LEU C 103 -17.36 -4.70 -19.78
CA LEU C 103 -18.47 -4.07 -20.49
C LEU C 103 -18.74 -2.68 -19.97
N ILE C 104 -18.55 -2.50 -18.68
CA ILE C 104 -18.71 -1.22 -18.05
C ILE C 104 -17.59 -0.33 -18.56
N VAL C 105 -16.38 -0.91 -18.67
CA VAL C 105 -15.22 -0.17 -19.17
C VAL C 105 -15.42 0.27 -20.62
N LYS C 106 -15.86 -0.60 -21.49
CA LYS C 106 -16.10 -0.20 -22.86
C LYS C 106 -17.20 0.84 -22.93
N ALA C 107 -18.19 0.76 -22.05
CA ALA C 107 -19.28 1.73 -22.07
C ALA C 107 -18.75 3.11 -21.70
N MET C 108 -17.85 3.20 -20.74
CA MET C 108 -17.29 4.49 -20.35
C MET C 108 -16.40 5.05 -21.42
N GLN C 109 -15.71 4.17 -22.15
CA GLN C 109 -14.83 4.58 -23.24
C GLN C 109 -15.62 5.11 -24.40
N GLY C 110 -16.71 4.45 -24.75
CA GLY C 110 -17.57 4.85 -25.84
C GLY C 110 -18.25 6.17 -25.57
N LEU C 111 -18.71 6.32 -24.35
CA LEU C 111 -19.34 7.53 -23.91
C LEU C 111 -18.50 8.77 -24.23
N LEU C 112 -17.19 8.69 -24.01
CA LEU C 112 -16.27 9.80 -24.21
C LEU C 112 -15.49 9.82 -25.52
N LYS C 113 -15.80 8.89 -26.40
CA LYS C 113 -15.11 8.81 -27.68
C LYS C 113 -15.31 10.10 -28.45
N ASP C 114 -14.28 10.59 -29.10
CA ASP C 114 -14.39 11.79 -29.90
C ASP C 114 -15.51 11.70 -30.89
N GLY C 115 -16.27 12.77 -31.04
CA GLY C 115 -17.34 12.72 -32.00
C GLY C 115 -18.68 12.29 -31.44
N ASN C 116 -18.71 11.69 -30.26
CA ASN C 116 -20.00 11.29 -29.72
C ASN C 116 -20.65 12.48 -29.03
N PRO C 117 -21.95 12.41 -28.77
CA PRO C 117 -22.67 13.53 -28.15
C PRO C 117 -22.07 14.27 -26.95
N ILE C 118 -21.85 13.57 -25.83
CA ILE C 118 -21.31 14.17 -24.63
C ILE C 118 -19.99 14.92 -24.78
N PRO C 119 -18.91 14.28 -25.30
CA PRO C 119 -17.67 15.03 -25.44
C PRO C 119 -17.74 16.21 -26.42
N SER C 120 -18.74 16.21 -27.30
CA SER C 120 -18.93 17.30 -28.26
C SER C 120 -19.58 18.48 -27.59
N ALA C 121 -20.54 18.19 -26.73
CA ALA C 121 -21.23 19.23 -26.02
C ALA C 121 -20.24 19.94 -25.12
N ILE C 122 -19.51 19.17 -24.33
CA ILE C 122 -18.53 19.70 -23.38
C ILE C 122 -17.45 20.57 -24.01
N ALA C 123 -16.84 20.07 -25.07
CA ALA C 123 -15.78 20.78 -25.76
C ALA C 123 -16.24 22.02 -26.45
N ALA C 124 -17.54 22.16 -26.64
CA ALA C 124 -18.09 23.30 -27.32
C ALA C 124 -18.86 24.19 -26.37
N ASN C 125 -18.61 24.04 -25.07
CA ASN C 125 -19.30 24.83 -24.05
C ASN C 125 -20.80 24.87 -24.33
N SER C 126 -21.37 23.68 -24.59
CA SER C 126 -22.78 23.56 -24.95
C SER C 126 -23.54 22.50 -24.15
N GLY C 127 -24.85 22.44 -24.36
CA GLY C 127 -25.67 21.42 -23.71
C GLY C 127 -26.07 20.41 -24.78
N ILE C 128 -26.80 19.37 -24.42
CA ILE C 128 -27.23 18.44 -25.45
C ILE C 128 -28.55 18.98 -25.96
N TYR C 129 -28.69 19.04 -27.26
CA TYR C 129 -29.91 19.54 -27.86
C TYR C 129 -29.94 18.97 -29.27
N ALA D 1 13.61 -8.64 -1.21
CA ALA D 1 12.43 -9.51 -1.47
C ALA D 1 11.28 -8.67 -2.12
N SER D 2 10.10 -9.29 -2.14
CA SER D 2 8.84 -8.77 -2.66
C SER D 2 8.00 -10.05 -2.64
N ASN D 3 7.21 -10.20 -1.62
CA ASN D 3 6.44 -11.42 -1.51
C ASN D 3 5.02 -11.29 -1.93
N PHE D 4 4.63 -10.14 -2.46
CA PHE D 4 3.25 -9.99 -2.85
C PHE D 4 3.14 -10.41 -4.30
N THR D 5 3.12 -11.71 -4.52
CA THR D 5 3.01 -12.30 -5.84
C THR D 5 1.89 -13.32 -5.90
N GLN D 6 1.61 -13.77 -7.10
CA GLN D 6 0.59 -14.74 -7.39
C GLN D 6 0.97 -16.11 -6.89
N PHE D 7 0.03 -16.86 -6.32
CA PHE D 7 0.32 -18.20 -5.86
C PHE D 7 -0.82 -19.14 -6.06
N VAL D 8 -0.55 -20.44 -5.95
CA VAL D 8 -1.58 -21.46 -6.09
C VAL D 8 -2.20 -21.70 -4.71
N LEU D 9 -3.50 -21.45 -4.62
CA LEU D 9 -4.23 -21.62 -3.40
C LEU D 9 -4.73 -23.04 -3.27
N VAL D 10 -5.39 -23.54 -4.29
CA VAL D 10 -5.92 -24.87 -4.24
C VAL D 10 -5.17 -25.60 -5.30
N ASP D 11 -4.35 -26.53 -4.87
CA ASP D 11 -3.53 -27.33 -5.76
C ASP D 11 -4.26 -28.59 -6.18
N ASN D 12 -4.57 -28.69 -7.47
CA ASN D 12 -5.21 -29.89 -7.94
C ASN D 12 -4.30 -30.71 -8.87
N GLY D 13 -3.00 -30.49 -8.69
CA GLY D 13 -2.00 -31.20 -9.46
C GLY D 13 -1.97 -30.77 -10.92
N GLY D 14 -1.98 -29.45 -11.14
CA GLY D 14 -1.90 -28.90 -12.49
C GLY D 14 -3.21 -28.62 -13.25
N THR D 15 -4.09 -29.62 -13.26
CA THR D 15 -5.32 -29.39 -13.97
C THR D 15 -6.46 -28.92 -13.06
N GLY D 16 -6.83 -27.64 -13.24
CA GLY D 16 -7.88 -27.08 -12.41
C GLY D 16 -7.33 -26.61 -11.06
N ASP D 17 -6.09 -26.11 -11.07
CA ASP D 17 -5.48 -25.57 -9.87
C ASP D 17 -6.13 -24.21 -9.71
N VAL D 18 -6.20 -23.69 -8.49
CA VAL D 18 -6.74 -22.36 -8.27
C VAL D 18 -5.58 -21.45 -7.89
N THR D 19 -5.31 -20.49 -8.74
CA THR D 19 -4.28 -19.51 -8.54
C THR D 19 -5.00 -18.25 -8.11
N VAL D 20 -4.44 -17.57 -7.13
CA VAL D 20 -5.00 -16.36 -6.56
C VAL D 20 -3.93 -15.28 -6.82
N ALA D 21 -4.30 -14.12 -7.32
CA ALA D 21 -3.32 -13.09 -7.66
C ALA D 21 -3.57 -11.74 -7.01
N PRO D 22 -2.52 -10.93 -6.77
CA PRO D 22 -2.66 -9.62 -6.15
C PRO D 22 -3.79 -8.77 -6.71
N SER D 23 -4.59 -8.21 -5.82
CA SER D 23 -5.72 -7.39 -6.23
C SER D 23 -5.96 -6.10 -5.45
N ASN D 24 -5.25 -5.86 -4.36
CA ASN D 24 -5.48 -4.65 -3.61
C ASN D 24 -4.44 -4.53 -2.54
N PHE D 25 -4.06 -3.30 -2.22
CA PHE D 25 -3.07 -3.05 -1.20
C PHE D 25 -3.46 -1.81 -0.41
N ALA D 26 -4.71 -1.41 -0.52
CA ALA D 26 -5.16 -0.24 0.21
C ALA D 26 -4.92 -0.50 1.71
N ASN D 27 -4.13 0.37 2.34
CA ASN D 27 -3.74 0.33 3.76
C ASN D 27 -2.72 -0.69 4.18
N GLY D 28 -1.86 -1.10 3.26
CA GLY D 28 -0.88 -2.10 3.59
C GLY D 28 -1.49 -3.50 3.79
N VAL D 29 -2.80 -3.62 3.54
CA VAL D 29 -3.50 -4.90 3.63
C VAL D 29 -3.47 -5.58 2.25
N ALA D 30 -2.58 -6.55 2.08
CA ALA D 30 -2.45 -7.27 0.82
C ALA D 30 -3.66 -8.12 0.62
N GLU D 31 -4.20 -8.09 -0.59
CA GLU D 31 -5.36 -8.89 -0.95
C GLU D 31 -5.03 -9.63 -2.22
N TRP D 32 -5.51 -10.86 -2.34
CA TRP D 32 -5.30 -11.69 -3.51
C TRP D 32 -6.66 -12.27 -3.86
N ILE D 33 -7.03 -12.40 -5.11
CA ILE D 33 -8.33 -13.00 -5.44
C ILE D 33 -8.20 -13.83 -6.70
N SER D 34 -9.15 -14.72 -6.90
CA SER D 34 -9.12 -15.52 -8.08
C SER D 34 -9.87 -14.82 -9.19
N SER D 35 -9.75 -15.36 -10.38
CA SER D 35 -10.38 -14.82 -11.56
C SER D 35 -11.84 -15.13 -11.58
N ASN D 36 -12.63 -14.41 -10.81
CA ASN D 36 -14.04 -14.70 -10.78
C ASN D 36 -14.67 -13.41 -10.40
N SER D 37 -15.98 -13.49 -10.26
CA SER D 37 -16.74 -12.36 -9.81
C SER D 37 -16.40 -12.34 -8.31
N ARG D 38 -16.65 -11.23 -7.63
CA ARG D 38 -16.31 -11.18 -6.23
C ARG D 38 -17.25 -11.96 -5.34
N SER D 39 -18.43 -12.30 -5.86
CA SER D 39 -19.40 -13.08 -5.11
C SER D 39 -18.98 -14.54 -5.16
N GLN D 40 -18.23 -14.92 -6.17
CA GLN D 40 -17.80 -16.31 -6.32
C GLN D 40 -16.31 -16.52 -6.27
N ALA D 41 -15.56 -15.49 -5.88
CA ALA D 41 -14.11 -15.54 -5.82
C ALA D 41 -13.51 -16.19 -4.60
N TYR D 42 -12.25 -16.62 -4.74
CA TYR D 42 -11.49 -17.19 -3.64
C TYR D 42 -10.75 -15.93 -3.27
N LYS D 43 -10.72 -15.60 -2.00
CA LYS D 43 -10.07 -14.38 -1.58
C LYS D 43 -9.17 -14.62 -0.38
N VAL D 44 -8.04 -13.92 -0.32
CA VAL D 44 -7.07 -14.02 0.77
C VAL D 44 -6.59 -12.62 1.12
N THR D 45 -6.56 -12.26 2.40
CA THR D 45 -6.06 -10.94 2.81
C THR D 45 -5.12 -11.12 4.01
N CYS D 46 -4.09 -10.31 4.12
CA CYS D 46 -3.16 -10.44 5.22
C CYS D 46 -2.58 -9.10 5.67
N SER D 47 -2.46 -8.89 6.98
CA SER D 47 -1.84 -7.68 7.54
C SER D 47 -1.13 -7.97 8.86
N VAL D 48 -0.14 -7.18 9.22
CA VAL D 48 0.55 -7.36 10.49
C VAL D 48 0.51 -6.03 11.18
N ARG D 49 0.54 -6.03 12.50
CA ARG D 49 0.56 -4.80 13.24
C ARG D 49 1.10 -5.23 14.57
N GLN D 50 1.54 -4.30 15.37
CA GLN D 50 2.03 -4.59 16.70
C GLN D 50 0.81 -4.54 17.60
N SER D 51 0.26 -5.66 18.07
CA SER D 51 -0.95 -5.57 18.88
C SER D 51 -0.80 -4.91 20.25
N SER D 52 0.17 -5.38 21.03
CA SER D 52 0.43 -4.81 22.32
C SER D 52 1.91 -4.50 22.29
N ALA D 53 2.44 -3.97 23.37
CA ALA D 53 3.85 -3.64 23.38
C ALA D 53 4.72 -4.89 23.32
N GLN D 54 4.13 -6.03 23.66
CA GLN D 54 4.91 -7.26 23.67
C GLN D 54 4.60 -8.20 22.51
N ASN D 55 3.61 -7.84 21.71
CA ASN D 55 3.21 -8.70 20.63
C ASN D 55 2.99 -8.03 19.29
N ARG D 56 3.11 -8.83 18.25
CA ARG D 56 2.83 -8.45 16.87
C ARG D 56 1.71 -9.44 16.49
N LYS D 57 0.77 -9.06 15.65
CA LYS D 57 -0.31 -9.96 15.31
C LYS D 57 -0.70 -9.98 13.82
N TYR D 58 -0.61 -11.15 13.20
CA TYR D 58 -1.00 -11.31 11.81
C TYR D 58 -2.48 -11.65 11.75
N THR D 59 -3.20 -11.05 10.83
CA THR D 59 -4.61 -11.28 10.66
C THR D 59 -4.75 -11.77 9.21
N ILE D 60 -5.06 -13.04 9.05
CA ILE D 60 -5.19 -13.64 7.74
C ILE D 60 -6.59 -14.08 7.54
N LYS D 61 -7.19 -13.66 6.44
CA LYS D 61 -8.57 -14.03 6.14
C LYS D 61 -8.67 -14.69 4.79
N VAL D 62 -9.40 -15.81 4.73
CA VAL D 62 -9.62 -16.55 3.48
C VAL D 62 -11.12 -16.74 3.28
N GLU D 63 -11.59 -16.62 2.05
CA GLU D 63 -13.00 -16.83 1.71
C GLU D 63 -12.95 -17.90 0.65
N VAL D 64 -13.80 -18.91 0.80
CA VAL D 64 -13.88 -20.04 -0.12
C VAL D 64 -15.34 -20.21 -0.53
N PRO D 65 -15.63 -20.30 -1.83
CA PRO D 65 -16.99 -20.45 -2.34
C PRO D 65 -17.53 -21.88 -2.34
N LYS D 66 -18.84 -22.03 -2.13
CA LYS D 66 -19.46 -23.35 -2.19
C LYS D 66 -19.54 -23.60 -3.67
N VAL D 67 -18.88 -24.63 -4.15
CA VAL D 67 -18.83 -24.92 -5.56
C VAL D 67 -19.85 -25.93 -6.12
N ALA D 68 -20.27 -26.88 -5.30
CA ALA D 68 -21.23 -27.87 -5.73
C ALA D 68 -22.52 -27.19 -6.04
N THR D 69 -22.99 -27.35 -7.27
CA THR D 69 -24.23 -26.78 -7.80
C THR D 69 -24.21 -25.29 -8.12
N GLN D 70 -23.01 -24.74 -8.12
CA GLN D 70 -22.76 -23.34 -8.41
C GLN D 70 -23.04 -23.02 -9.88
N THR D 71 -23.56 -21.82 -10.14
CA THR D 71 -23.79 -21.34 -11.52
C THR D 71 -22.77 -20.24 -11.69
N VAL D 72 -21.77 -20.51 -12.51
CA VAL D 72 -20.69 -19.56 -12.71
C VAL D 72 -21.17 -18.25 -13.30
N GLY D 73 -20.85 -17.15 -12.62
CA GLY D 73 -21.24 -15.86 -13.12
C GLY D 73 -22.66 -15.57 -12.73
N GLY D 74 -23.29 -16.47 -12.01
CA GLY D 74 -24.67 -16.26 -11.63
C GLY D 74 -24.83 -15.50 -10.34
N VAL D 75 -26.07 -15.13 -10.07
CA VAL D 75 -26.40 -14.40 -8.86
C VAL D 75 -26.97 -15.43 -7.89
N GLU D 76 -26.19 -15.76 -6.87
CA GLU D 76 -26.59 -16.75 -5.88
C GLU D 76 -26.80 -16.14 -4.50
N LEU D 77 -28.04 -16.20 -4.02
CA LEU D 77 -28.41 -15.63 -2.73
C LEU D 77 -29.12 -16.68 -1.91
N PRO D 78 -28.98 -16.64 -0.59
CA PRO D 78 -28.22 -15.72 0.24
C PRO D 78 -26.73 -15.96 0.14
N VAL D 79 -25.97 -14.89 0.25
CA VAL D 79 -24.54 -14.94 0.15
C VAL D 79 -23.97 -15.92 1.15
N ALA D 80 -24.58 -15.91 2.32
CA ALA D 80 -24.21 -16.74 3.46
C ALA D 80 -24.31 -18.24 3.28
N ALA D 81 -25.04 -18.67 2.25
CA ALA D 81 -25.24 -20.06 1.97
C ALA D 81 -24.21 -20.54 1.01
N TRP D 82 -23.57 -19.60 0.34
CA TRP D 82 -22.61 -19.92 -0.68
C TRP D 82 -21.18 -19.64 -0.38
N ARG D 83 -20.86 -19.24 0.85
CA ARG D 83 -19.48 -18.94 1.20
C ARG D 83 -19.00 -19.36 2.58
N SER D 84 -17.75 -19.78 2.64
CA SER D 84 -17.12 -20.19 3.87
C SER D 84 -16.09 -19.16 4.21
N TYR D 85 -15.99 -18.84 5.49
CA TYR D 85 -15.08 -17.84 5.97
C TYR D 85 -14.08 -18.36 6.97
N LEU D 86 -12.81 -18.13 6.68
CA LEU D 86 -11.73 -18.52 7.56
C LEU D 86 -11.07 -17.26 8.12
N ASN D 87 -10.83 -17.22 9.42
CA ASN D 87 -10.21 -16.07 10.04
C ASN D 87 -9.08 -16.57 10.95
N MET D 88 -7.84 -16.15 10.68
CA MET D 88 -6.69 -16.52 11.46
C MET D 88 -6.00 -15.35 12.12
N GLU D 89 -5.78 -15.45 13.42
CA GLU D 89 -5.08 -14.42 14.15
C GLU D 89 -3.88 -15.08 14.77
N LEU D 90 -2.70 -14.71 14.30
CA LEU D 90 -1.46 -15.27 14.79
C LEU D 90 -0.71 -14.24 15.61
N THR D 91 -0.58 -14.51 16.91
CA THR D 91 0.11 -13.63 17.87
C THR D 91 1.51 -14.15 18.13
N ILE D 92 2.51 -13.30 17.85
CA ILE D 92 3.92 -13.63 18.02
C ILE D 92 4.62 -12.59 18.90
N PRO D 93 5.14 -12.99 20.07
CA PRO D 93 5.85 -12.11 21.01
C PRO D 93 7.05 -11.46 20.35
N ILE D 94 7.31 -10.19 20.65
CA ILE D 94 8.41 -9.48 20.03
C ILE D 94 9.78 -10.13 20.16
N PHE D 95 9.94 -11.08 21.06
CA PHE D 95 11.21 -11.77 21.25
C PHE D 95 11.52 -12.84 20.24
N ALA D 96 10.50 -13.29 19.52
CA ALA D 96 10.62 -14.34 18.56
C ALA D 96 11.56 -14.04 17.41
N THR D 97 12.66 -14.77 17.34
CA THR D 97 13.62 -14.60 16.27
C THR D 97 13.04 -15.18 15.00
N ASN D 98 13.80 -15.16 13.92
CA ASN D 98 13.32 -15.70 12.65
C ASN D 98 13.14 -17.19 12.77
N SER D 99 14.07 -17.85 13.46
CA SER D 99 14.01 -19.29 13.69
C SER D 99 12.80 -19.69 14.51
N ASP D 100 12.41 -18.85 15.46
CA ASP D 100 11.26 -19.13 16.28
C ASP D 100 10.07 -19.08 15.35
N CYS D 101 10.03 -18.05 14.52
CA CYS D 101 8.95 -17.87 13.55
C CYS D 101 8.84 -18.98 12.52
N GLU D 102 9.95 -19.60 12.18
CA GLU D 102 9.91 -20.69 11.23
C GLU D 102 9.29 -21.90 11.86
N LEU D 103 9.54 -22.11 13.14
CA LEU D 103 9.00 -23.25 13.84
C LEU D 103 7.49 -23.12 13.98
N ILE D 104 7.02 -21.90 14.12
CA ILE D 104 5.61 -21.59 14.25
C ILE D 104 4.90 -21.90 12.92
N VAL D 105 5.56 -21.57 11.82
CA VAL D 105 5.00 -21.82 10.51
C VAL D 105 4.89 -23.33 10.29
N LYS D 106 5.78 -24.10 10.89
CA LYS D 106 5.76 -25.52 10.77
C LYS D 106 4.64 -26.05 11.60
N ALA D 107 4.47 -25.51 12.80
CA ALA D 107 3.38 -25.94 13.65
C ALA D 107 2.03 -25.79 12.92
N MET D 108 1.89 -24.73 12.11
CA MET D 108 0.68 -24.46 11.32
C MET D 108 0.53 -25.39 10.14
N GLN D 109 1.62 -25.72 9.48
CA GLN D 109 1.61 -26.64 8.36
C GLN D 109 1.30 -28.05 8.85
N GLY D 110 1.80 -28.41 10.02
CA GLY D 110 1.54 -29.72 10.58
C GLY D 110 0.10 -29.93 10.99
N LEU D 111 -0.48 -28.91 11.61
CA LEU D 111 -1.86 -28.94 12.01
C LEU D 111 -2.76 -29.25 10.82
N LEU D 112 -2.47 -28.63 9.69
CA LEU D 112 -3.28 -28.79 8.51
C LEU D 112 -2.85 -29.84 7.55
N LYS D 113 -1.83 -30.59 7.89
CA LYS D 113 -1.40 -31.62 6.99
C LYS D 113 -2.44 -32.70 6.80
N ASP D 114 -2.50 -33.22 5.58
CA ASP D 114 -3.42 -34.27 5.23
C ASP D 114 -3.28 -35.50 6.08
N GLY D 115 -4.40 -36.05 6.49
CA GLY D 115 -4.37 -37.21 7.33
C GLY D 115 -4.42 -36.91 8.83
N ASN D 116 -4.11 -35.68 9.24
CA ASN D 116 -4.16 -35.33 10.65
C ASN D 116 -5.59 -35.10 11.06
N PRO D 117 -5.88 -35.25 12.36
CA PRO D 117 -7.26 -35.06 12.82
C PRO D 117 -8.04 -33.83 12.34
N ILE D 118 -7.54 -32.62 12.58
CA ILE D 118 -8.23 -31.39 12.19
C ILE D 118 -8.64 -31.35 10.71
N PRO D 119 -7.70 -31.48 9.74
CA PRO D 119 -8.16 -31.43 8.36
C PRO D 119 -9.17 -32.52 7.98
N SER D 120 -9.02 -33.72 8.53
CA SER D 120 -9.91 -34.84 8.27
C SER D 120 -11.31 -34.66 8.84
N ALA D 121 -11.44 -33.91 9.91
CA ALA D 121 -12.73 -33.66 10.50
C ALA D 121 -13.44 -32.64 9.64
N ILE D 122 -12.78 -31.55 9.32
CA ILE D 122 -13.38 -30.50 8.52
C ILE D 122 -13.89 -31.03 7.20
N ALA D 123 -13.04 -31.79 6.53
CA ALA D 123 -13.33 -32.39 5.23
C ALA D 123 -14.42 -33.41 5.19
N ALA D 124 -14.84 -33.91 6.34
CA ALA D 124 -15.86 -34.94 6.43
C ALA D 124 -17.11 -34.43 7.09
N ASN D 125 -17.22 -33.12 7.21
CA ASN D 125 -18.38 -32.51 7.84
C ASN D 125 -18.56 -33.02 9.26
N SER D 126 -17.45 -33.30 9.96
CA SER D 126 -17.50 -33.85 11.31
C SER D 126 -16.81 -33.04 12.39
N GLY D 127 -16.84 -33.60 13.59
CA GLY D 127 -16.18 -33.01 14.73
C GLY D 127 -15.14 -34.03 15.13
N ILE D 128 -14.72 -34.00 16.39
CA ILE D 128 -13.74 -34.95 16.90
C ILE D 128 -14.52 -36.02 17.63
N TYR D 129 -14.17 -37.29 17.39
CA TYR D 129 -14.86 -38.42 18.02
C TYR D 129 -13.84 -39.57 18.19
N ALA E 1 4.04 0.16 -9.68
CA ALA E 1 5.14 0.87 -8.95
C ALA E 1 4.85 1.06 -7.42
N SER E 2 5.96 1.09 -6.66
CA SER E 2 5.93 1.30 -5.21
C SER E 2 7.29 1.79 -4.78
N ASN E 3 7.33 2.57 -3.70
CA ASN E 3 8.54 3.07 -3.11
C ASN E 3 8.48 2.59 -1.66
N PHE E 4 7.52 1.72 -1.40
CA PHE E 4 7.36 1.13 -0.09
C PHE E 4 8.04 -0.24 -0.24
N THR E 5 9.36 -0.20 -0.33
CA THR E 5 10.17 -1.41 -0.48
C THR E 5 11.28 -1.49 0.53
N GLN E 6 11.96 -2.61 0.54
CA GLN E 6 13.04 -2.72 1.47
C GLN E 6 14.23 -1.98 0.91
N PHE E 7 15.08 -1.51 1.80
CA PHE E 7 16.26 -0.76 1.41
C PHE E 7 17.31 -0.94 2.49
N VAL E 8 18.55 -0.60 2.17
CA VAL E 8 19.65 -0.70 3.13
C VAL E 8 19.76 0.58 3.94
N LEU E 9 19.52 0.46 5.24
CA LEU E 9 19.60 1.57 6.20
C LEU E 9 21.05 1.82 6.58
N VAL E 10 21.79 0.75 6.87
CA VAL E 10 23.18 0.88 7.25
C VAL E 10 24.01 0.06 6.30
N ASP E 11 24.84 0.72 5.52
CA ASP E 11 25.70 0.06 4.57
C ASP E 11 27.02 -0.23 5.21
N ASN E 12 27.31 -1.51 5.39
CA ASN E 12 28.59 -1.93 5.97
C ASN E 12 29.32 -2.75 4.91
N GLY E 13 29.50 -2.08 3.76
CA GLY E 13 30.16 -2.70 2.63
C GLY E 13 29.18 -3.56 1.82
N GLY E 14 28.96 -4.78 2.30
CA GLY E 14 28.03 -5.67 1.59
C GLY E 14 27.74 -6.87 2.48
N THR E 15 28.19 -6.74 3.73
CA THR E 15 28.07 -7.83 4.72
C THR E 15 28.21 -7.17 6.09
N GLY E 16 27.05 -7.10 6.77
CA GLY E 16 26.94 -6.46 8.07
C GLY E 16 26.01 -5.27 7.78
N ASP E 17 25.45 -5.29 6.56
CA ASP E 17 24.53 -4.26 6.10
C ASP E 17 23.21 -4.49 6.76
N VAL E 18 22.62 -3.40 7.27
CA VAL E 18 21.32 -3.46 7.90
C VAL E 18 20.30 -3.13 6.84
N THR E 19 19.36 -4.05 6.64
CA THR E 19 18.28 -3.91 5.69
C THR E 19 16.96 -3.88 6.45
N VAL E 20 16.16 -2.88 6.08
CA VAL E 20 14.89 -2.61 6.68
C VAL E 20 13.82 -2.90 5.61
N ALA E 21 12.78 -3.66 5.96
CA ALA E 21 11.72 -4.05 5.02
C ALA E 21 10.35 -3.58 5.42
N PRO E 22 9.46 -3.38 4.44
CA PRO E 22 8.10 -2.91 4.74
C PRO E 22 7.33 -3.75 5.74
N SER E 23 6.67 -3.12 6.70
CA SER E 23 5.92 -3.90 7.64
C SER E 23 4.47 -3.51 7.84
N ASN E 24 4.16 -2.26 7.60
CA ASN E 24 2.81 -1.84 7.85
C ASN E 24 2.62 -0.45 7.25
N PHE E 25 1.41 -0.15 6.78
CA PHE E 25 1.08 1.14 6.17
C PHE E 25 -0.32 1.55 6.62
N ALA E 26 -0.53 1.49 7.93
CA ALA E 26 -1.81 1.83 8.52
C ALA E 26 -1.90 3.33 8.78
N ASN E 27 -3.05 3.92 8.46
CA ASN E 27 -3.30 5.35 8.68
C ASN E 27 -2.24 6.27 8.09
N GLY E 28 -1.82 5.98 6.87
CA GLY E 28 -0.83 6.83 6.25
C GLY E 28 0.55 6.86 6.86
N VAL E 29 0.90 5.93 7.74
CA VAL E 29 2.25 5.92 8.27
C VAL E 29 2.91 4.66 7.75
N ALA E 30 3.95 4.84 6.94
CA ALA E 30 4.72 3.74 6.39
C ALA E 30 5.78 3.34 7.42
N GLU E 31 5.89 2.05 7.69
CA GLU E 31 6.84 1.54 8.65
C GLU E 31 7.67 0.48 7.97
N TRP E 32 8.94 0.40 8.36
CA TRP E 32 9.88 -0.58 7.84
C TRP E 32 10.56 -1.12 9.10
N ILE E 33 10.89 -2.40 9.13
CA ILE E 33 11.52 -3.01 10.31
C ILE E 33 12.59 -3.99 9.85
N SER E 34 13.72 -4.08 10.52
CA SER E 34 14.71 -5.05 10.07
C SER E 34 14.25 -6.42 10.58
N SER E 35 14.80 -7.49 10.02
CA SER E 35 14.40 -8.84 10.43
C SER E 35 14.92 -9.32 11.79
N ASN E 36 14.40 -10.48 12.21
CA ASN E 36 14.69 -11.10 13.51
C ASN E 36 13.89 -10.39 14.58
N SER E 37 13.99 -10.85 15.82
CA SER E 37 13.25 -10.31 16.94
C SER E 37 12.93 -8.84 16.80
N ARG E 38 11.64 -8.51 16.85
CA ARG E 38 11.16 -7.14 16.75
C ARG E 38 11.79 -6.31 17.88
N SER E 39 12.12 -6.96 18.98
CA SER E 39 12.71 -6.29 20.12
C SER E 39 14.10 -5.71 19.84
N GLN E 40 14.82 -6.28 18.89
CA GLN E 40 16.14 -5.78 18.57
C GLN E 40 16.24 -5.20 17.15
N ALA E 41 15.08 -4.92 16.56
CA ALA E 41 15.00 -4.42 15.21
C ALA E 41 15.10 -2.92 15.09
N TYR E 42 15.53 -2.52 13.89
CA TYR E 42 15.66 -1.15 13.49
C TYR E 42 14.29 -0.82 12.96
N LYS E 43 13.89 0.42 13.12
CA LYS E 43 12.58 0.85 12.67
C LYS E 43 12.60 2.23 12.01
N VAL E 44 11.91 2.36 10.89
CA VAL E 44 11.83 3.62 10.15
C VAL E 44 10.35 3.88 9.89
N THR E 45 9.86 5.07 10.14
CA THR E 45 8.47 5.36 9.84
C THR E 45 8.53 6.66 9.06
N CYS E 46 7.58 6.85 8.19
CA CYS E 46 7.51 8.05 7.38
C CYS E 46 6.08 8.36 7.00
N SER E 47 5.60 9.57 7.29
CA SER E 47 4.28 9.94 6.86
C SER E 47 4.42 11.34 6.31
N VAL E 48 3.51 11.72 5.44
CA VAL E 48 3.47 13.07 4.86
C VAL E 48 2.04 13.60 4.96
N ARG E 49 1.89 14.90 5.18
CA ARG E 49 0.55 15.51 5.33
C ARG E 49 0.51 16.99 4.98
N GLN E 50 -0.67 17.50 4.67
CA GLN E 50 -0.83 18.91 4.35
C GLN E 50 -0.92 19.58 5.72
N SER E 51 0.17 20.18 6.20
CA SER E 51 0.17 20.79 7.53
C SER E 51 -0.57 22.12 7.61
N SER E 52 -0.65 22.81 6.49
CA SER E 52 -1.35 24.09 6.43
C SER E 52 -1.77 24.26 4.96
N ALA E 53 -2.45 25.35 4.63
CA ALA E 53 -2.85 25.54 3.23
C ALA E 53 -1.65 25.56 2.26
N GLN E 54 -0.53 26.10 2.69
CA GLN E 54 0.64 26.19 1.83
C GLN E 54 1.70 25.15 1.98
N ASN E 55 1.66 24.38 3.07
CA ASN E 55 2.71 23.42 3.28
C ASN E 55 2.30 22.00 3.46
N ARG E 56 3.21 21.13 3.04
CA ARG E 56 3.06 19.73 3.24
C ARG E 56 4.21 19.45 4.20
N LYS E 57 4.01 18.55 5.15
CA LYS E 57 5.02 18.23 6.15
C LYS E 57 5.36 16.74 6.23
N TYR E 58 6.62 16.38 6.04
CA TYR E 58 7.04 14.99 6.18
C TYR E 58 7.49 14.78 7.64
N THR E 59 7.19 13.63 8.22
CA THR E 59 7.61 13.32 9.57
C THR E 59 8.30 12.00 9.37
N ILE E 60 9.62 11.99 9.53
CA ILE E 60 10.43 10.80 9.35
C ILE E 60 11.02 10.43 10.71
N LYS E 61 11.04 9.14 11.05
CA LYS E 61 11.56 8.67 12.32
C LYS E 61 12.42 7.41 12.15
N VAL E 62 13.51 7.29 12.90
CA VAL E 62 14.39 6.13 12.82
C VAL E 62 14.79 5.74 14.25
N GLU E 63 14.91 4.44 14.51
CA GLU E 63 15.30 3.87 15.80
C GLU E 63 16.46 2.93 15.60
N VAL E 64 17.59 3.23 16.20
CA VAL E 64 18.80 2.41 16.09
C VAL E 64 18.93 1.74 17.43
N PRO E 65 18.90 0.40 17.47
CA PRO E 65 19.02 -0.32 18.73
C PRO E 65 20.42 -0.74 19.15
N LYS E 66 20.56 -0.91 20.45
CA LYS E 66 21.80 -1.40 21.02
C LYS E 66 21.40 -2.83 21.41
N VAL E 67 21.78 -3.78 20.57
CA VAL E 67 21.44 -5.18 20.77
C VAL E 67 22.14 -5.82 21.96
N ALA E 68 21.35 -6.47 22.81
CA ALA E 68 21.86 -7.11 24.02
C ALA E 68 20.94 -8.23 24.45
N THR E 69 21.43 -9.10 25.33
CA THR E 69 20.64 -10.20 25.89
C THR E 69 20.29 -9.84 27.31
N GLN E 70 19.04 -9.99 27.67
CA GLN E 70 18.65 -9.67 29.02
C GLN E 70 18.45 -10.97 29.74
N THR E 71 19.05 -11.10 30.91
CA THR E 71 18.87 -12.32 31.68
C THR E 71 18.22 -12.00 32.96
N VAL E 72 17.06 -12.59 33.16
CA VAL E 72 16.32 -12.36 34.37
C VAL E 72 15.88 -13.74 34.88
N GLY E 73 16.48 -14.13 36.01
CA GLY E 73 16.17 -15.40 36.64
C GLY E 73 16.49 -16.62 35.81
N GLY E 74 17.51 -16.52 34.98
CA GLY E 74 17.85 -17.67 34.18
C GLY E 74 17.08 -17.76 32.87
N VAL E 75 16.19 -16.81 32.59
CA VAL E 75 15.48 -16.85 31.34
C VAL E 75 16.04 -15.69 30.56
N GLU E 76 16.75 -15.98 29.47
CA GLU E 76 17.28 -14.89 28.67
C GLU E 76 16.40 -14.54 27.47
N LEU E 77 16.31 -13.23 27.19
CA LEU E 77 15.52 -12.70 26.11
C LEU E 77 16.37 -11.78 25.31
N PRO E 78 16.13 -11.69 24.00
CA PRO E 78 16.86 -10.82 23.07
C PRO E 78 16.17 -9.46 23.26
N VAL E 79 16.94 -8.46 23.68
CA VAL E 79 16.37 -7.15 23.92
C VAL E 79 17.27 -6.11 23.30
N ALA E 80 16.87 -4.86 23.42
CA ALA E 80 17.68 -3.76 22.97
C ALA E 80 18.07 -3.15 24.31
N ALA E 81 19.38 -3.11 24.60
CA ALA E 81 19.89 -2.52 25.83
C ALA E 81 19.37 -1.11 25.95
N TRP E 82 19.30 -0.42 24.80
CA TRP E 82 18.78 0.96 24.70
C TRP E 82 18.59 1.32 23.21
N ARG E 83 17.99 2.47 22.92
CA ARG E 83 17.77 2.92 21.53
C ARG E 83 18.03 4.42 21.37
N SER E 84 18.46 4.82 20.16
CA SER E 84 18.65 6.23 19.76
C SER E 84 17.42 6.55 18.93
N TYR E 85 16.88 7.74 19.11
CA TYR E 85 15.72 8.13 18.38
C TYR E 85 15.96 9.35 17.49
N LEU E 86 15.83 9.17 16.18
CA LEU E 86 15.97 10.28 15.26
C LEU E 86 14.56 10.68 14.89
N ASN E 87 14.16 11.92 15.14
CA ASN E 87 12.83 12.42 14.76
C ASN E 87 13.08 13.61 13.85
N MET E 88 12.61 13.58 12.61
CA MET E 88 12.81 14.73 11.77
C MET E 88 11.57 15.14 11.03
N GLU E 89 11.37 16.44 10.91
CA GLU E 89 10.22 17.03 10.23
C GLU E 89 10.68 17.98 9.15
N LEU E 90 10.18 17.78 7.96
CA LEU E 90 10.53 18.60 6.82
C LEU E 90 9.28 19.25 6.22
N THR E 91 9.27 20.58 6.22
CA THR E 91 8.18 21.36 5.71
C THR E 91 8.53 21.91 4.35
N ILE E 92 7.62 21.75 3.40
CA ILE E 92 7.82 22.25 2.04
C ILE E 92 6.55 22.96 1.52
N PRO E 93 6.69 24.24 1.13
CA PRO E 93 5.60 25.06 0.60
C PRO E 93 5.08 24.37 -0.65
N ILE E 94 3.80 24.49 -0.92
CA ILE E 94 3.23 23.85 -2.08
C ILE E 94 3.70 24.45 -3.38
N PHE E 95 4.54 25.48 -3.33
CA PHE E 95 5.03 26.10 -4.56
C PHE E 95 6.28 25.45 -5.11
N ALA E 96 6.88 24.55 -4.35
CA ALA E 96 8.10 23.89 -4.76
C ALA E 96 7.94 23.00 -5.96
N THR E 97 8.70 23.28 -6.99
CA THR E 97 8.62 22.45 -8.16
C THR E 97 9.40 21.20 -7.83
N ASN E 98 9.59 20.34 -8.81
CA ASN E 98 10.35 19.15 -8.52
C ASN E 98 11.81 19.47 -8.35
N SER E 99 12.30 20.48 -9.06
CA SER E 99 13.72 20.89 -8.93
C SER E 99 14.02 21.37 -7.50
N ASP E 100 13.07 22.11 -6.91
CA ASP E 100 13.22 22.63 -5.55
C ASP E 100 13.32 21.48 -4.58
N CYS E 101 12.47 20.47 -4.74
CA CYS E 101 12.51 19.33 -3.84
C CYS E 101 13.83 18.59 -3.92
N GLU E 102 14.42 18.57 -5.10
CA GLU E 102 15.68 17.91 -5.27
C GLU E 102 16.82 18.64 -4.60
N LEU E 103 16.77 19.96 -4.67
CA LEU E 103 17.77 20.80 -4.03
C LEU E 103 17.68 20.56 -2.51
N ILE E 104 16.46 20.46 -2.01
CA ILE E 104 16.20 20.21 -0.59
C ILE E 104 16.82 18.88 -0.20
N VAL E 105 16.70 17.89 -1.06
CA VAL E 105 17.27 16.59 -0.78
C VAL E 105 18.78 16.66 -0.74
N LYS E 106 19.38 17.37 -1.67
CA LYS E 106 20.84 17.49 -1.66
C LYS E 106 21.31 18.21 -0.40
N ALA E 107 20.58 19.22 0.02
CA ALA E 107 20.96 19.94 1.21
C ALA E 107 20.97 18.95 2.40
N MET E 108 20.00 18.04 2.45
CA MET E 108 19.91 17.06 3.53
C MET E 108 21.05 16.07 3.48
N GLN E 109 21.41 15.66 2.27
CA GLN E 109 22.49 14.72 2.10
C GLN E 109 23.82 15.37 2.44
N GLY E 110 23.98 16.63 2.04
CA GLY E 110 25.20 17.39 2.31
C GLY E 110 25.45 17.62 3.79
N LEU E 111 24.40 17.99 4.50
CA LEU E 111 24.51 18.20 5.91
C LEU E 111 25.11 16.96 6.61
N LEU E 112 24.77 15.76 6.12
CA LEU E 112 25.24 14.52 6.74
C LEU E 112 26.39 13.80 6.12
N LYS E 113 26.94 14.33 5.05
CA LYS E 113 28.05 13.68 4.39
C LYS E 113 29.24 13.51 5.33
N ASP E 114 30.06 12.49 5.11
CA ASP E 114 31.23 12.27 5.96
C ASP E 114 32.21 13.38 5.87
N GLY E 115 32.68 13.82 7.02
CA GLY E 115 33.64 14.89 7.04
C GLY E 115 33.04 16.23 7.41
N ASN E 116 31.77 16.44 7.11
CA ASN E 116 31.15 17.70 7.44
C ASN E 116 30.97 17.84 8.92
N PRO E 117 30.85 19.07 9.44
CA PRO E 117 30.69 19.31 10.87
C PRO E 117 29.75 18.42 11.68
N ILE E 118 28.46 18.36 11.31
CA ILE E 118 27.47 17.58 12.06
C ILE E 118 27.69 16.07 12.19
N PRO E 119 27.92 15.35 11.08
CA PRO E 119 28.14 13.91 11.25
C PRO E 119 29.42 13.59 12.02
N SER E 120 30.37 14.50 12.02
CA SER E 120 31.62 14.31 12.74
C SER E 120 31.47 14.52 14.22
N ALA E 121 30.68 15.53 14.62
CA ALA E 121 30.45 15.78 16.03
C ALA E 121 29.71 14.58 16.62
N ILE E 122 28.64 14.12 15.95
CA ILE E 122 27.84 12.96 16.39
C ILE E 122 28.65 11.69 16.45
N ALA E 123 29.38 11.39 15.38
CA ALA E 123 30.16 10.17 15.34
C ALA E 123 31.18 10.12 16.43
N ALA E 124 31.45 11.25 17.04
CA ALA E 124 32.45 11.28 18.09
C ALA E 124 31.97 11.69 19.47
N ASN E 125 30.66 11.58 19.73
CA ASN E 125 30.14 11.93 21.04
C ASN E 125 30.46 13.37 21.39
N SER E 126 30.64 14.21 20.39
CA SER E 126 31.00 15.62 20.61
C SER E 126 29.93 16.62 20.22
N GLY E 127 30.29 17.89 20.39
CA GLY E 127 29.43 19.00 20.04
C GLY E 127 30.24 19.84 19.09
N ILE E 128 29.85 21.08 18.87
CA ILE E 128 30.62 21.91 17.98
C ILE E 128 31.67 22.59 18.83
N TYR E 129 32.83 22.85 18.26
CA TYR E 129 33.88 23.51 18.99
C TYR E 129 34.82 24.10 17.95
#